data_5GS4
#
_entry.id   5GS4
#
_cell.length_a   57.272
_cell.length_b   61.246
_cell.length_c   69.385
_cell.angle_alpha   90.00
_cell.angle_beta   90.00
_cell.angle_gamma   90.00
#
_symmetry.space_group_name_H-M   'P 2 21 21'
#
loop_
_entity.id
_entity.type
_entity.pdbx_description
1 polymer 'Estrogen receptor'
2 polymer ARG-IAS-ILE-LEU-DNP-ARG-LEU-LEU-GLN
3 non-polymer 'PHOSPHATE ION'
4 non-polymer ESTRADIOL
5 water water
#
loop_
_entity_poly.entity_id
_entity_poly.type
_entity_poly.pdbx_seq_one_letter_code
_entity_poly.pdbx_strand_id
1 'polypeptide(L)'
;SLALSLTADQMVSALLDAEPPILYSEYDPTRPFSEASMMGLLTNLADRELVHMINWAKRVPGFVDLTLHDQVHLLECAWL
EILMIGLVWRSMEHPGKLLFAPNLLLDRNQGKCVEGMVEIFDMLLATSSRFRMMNLQGEEFVCLKSIILLNSGVYTFLSS
TLKSLEEKDHIHRVLDKITDTLIHLMAKAGLTLQQQHQRLAQLLLILSHIRHMSNKGMEHLYSMKCKNVVPLYDLLLEML
DAH
;
A
2 'polypeptide(L)' R(IAS)IL(DNP)RLLQ(NH2) B
#
loop_
_chem_comp.id
_chem_comp.type
_chem_comp.name
_chem_comp.formula
EST non-polymer ESTRADIOL 'C18 H24 O2'
IAS L-beta-peptide, C-gamma linking 'BETA-L-ASPARTIC ACID' 'C4 H7 N O4'
NH2 non-polymer 'AMINO GROUP' 'H2 N'
PO4 non-polymer 'PHOSPHATE ION' 'O4 P -3'
#
# COMPACT_ATOMS: atom_id res chain seq x y z
N SER A 1 21.57 -3.68 -11.99
CA SER A 1 20.34 -3.27 -12.67
C SER A 1 19.45 -4.46 -13.02
N LEU A 2 19.13 -5.26 -12.01
CA LEU A 2 18.24 -6.39 -12.24
C LEU A 2 16.87 -5.94 -12.74
N ALA A 3 16.35 -4.85 -12.20
CA ALA A 3 14.92 -4.56 -12.31
C ALA A 3 14.48 -4.43 -13.77
N LEU A 4 15.19 -3.65 -14.57
CA LEU A 4 14.69 -3.33 -15.91
C LEU A 4 14.80 -4.50 -16.87
N SER A 5 15.58 -5.53 -16.57
CA SER A 5 15.66 -6.69 -17.45
C SER A 5 14.50 -7.66 -17.25
N LEU A 6 13.87 -7.66 -16.08
CA LEU A 6 12.81 -8.63 -15.79
C LEU A 6 11.70 -8.54 -16.83
N THR A 7 11.20 -9.69 -17.25
CA THR A 7 10.07 -9.66 -18.17
C THR A 7 8.76 -9.46 -17.40
N ALA A 8 7.70 -9.17 -18.15
CA ALA A 8 6.37 -9.11 -17.57
C ALA A 8 6.15 -10.29 -16.62
N ASP A 9 6.28 -11.52 -17.14
CA ASP A 9 6.00 -12.70 -16.32
C ASP A 9 6.96 -12.79 -15.14
N GLN A 10 8.22 -12.43 -15.33
CA GLN A 10 9.18 -12.46 -14.22
C GLN A 10 8.85 -11.42 -13.16
N MET A 11 8.36 -10.25 -13.59
CA MET A 11 7.95 -9.23 -12.63
C MET A 11 6.77 -9.73 -11.79
N VAL A 12 5.73 -10.21 -12.43
CA VAL A 12 4.55 -10.67 -11.69
C VAL A 12 4.94 -11.78 -10.71
N SER A 13 5.61 -12.81 -11.21
CA SER A 13 6.11 -13.89 -10.37
C SER A 13 6.88 -13.35 -9.17
N ALA A 14 7.90 -12.52 -9.42
CA ALA A 14 8.71 -11.98 -8.34
C ALA A 14 7.86 -11.24 -7.31
N LEU A 15 6.81 -10.56 -7.76
CA LEU A 15 5.98 -9.83 -6.80
C LEU A 15 5.10 -10.78 -5.99
N LEU A 16 4.64 -11.88 -6.59
CA LEU A 16 3.85 -12.86 -5.85
C LEU A 16 4.68 -13.58 -4.78
N ASP A 17 5.99 -13.64 -4.94
CA ASP A 17 6.84 -14.30 -3.94
C ASP A 17 7.36 -13.36 -2.88
N ALA A 18 7.28 -12.06 -3.10
CA ALA A 18 7.59 -11.11 -2.04
C ALA A 18 6.39 -10.86 -1.12
N GLU A 19 5.23 -11.43 -1.43
CA GLU A 19 4.03 -11.11 -0.68
C GLU A 19 4.24 -11.41 0.80
N PRO A 20 3.92 -10.47 1.70
CA PRO A 20 4.12 -10.71 3.13
C PRO A 20 3.21 -11.79 3.65
N PRO A 21 3.51 -12.36 4.80
CA PRO A 21 2.61 -13.34 5.40
C PRO A 21 1.33 -12.65 5.89
N ILE A 22 0.23 -13.38 5.83
CA ILE A 22 -1.00 -12.83 6.38
C ILE A 22 -0.97 -13.04 7.89
N LEU A 23 -1.11 -11.94 8.63
CA LEU A 23 -1.02 -11.98 10.08
C LEU A 23 -2.38 -12.23 10.69
N TYR A 24 -2.38 -12.90 11.84
CA TYR A 24 -3.55 -12.94 12.69
C TYR A 24 -3.50 -11.77 13.65
N SER A 25 -4.67 -11.29 14.01
CA SER A 25 -4.79 -10.27 15.04
C SER A 25 -4.72 -10.89 16.44
N GLU A 26 -4.39 -10.07 17.43
CA GLU A 26 -4.51 -10.51 18.83
C GLU A 26 -5.62 -9.76 19.57
N SER A 34 -14.83 -0.74 22.95
CA SER A 34 -14.71 0.71 23.12
C SER A 34 -13.70 1.34 22.12
N GLU A 35 -13.71 2.67 22.08
CA GLU A 35 -12.92 3.39 21.08
C GLU A 35 -11.42 3.09 21.23
N ALA A 36 -10.90 3.20 22.45
CA ALA A 36 -9.49 2.92 22.68
C ALA A 36 -9.16 1.50 22.26
N SER A 37 -9.94 0.51 22.73
CA SER A 37 -9.58 -0.86 22.42
C SER A 37 -9.69 -1.16 20.92
N MET A 38 -10.66 -0.57 20.23
CA MET A 38 -10.72 -0.73 18.77
C MET A 38 -9.46 -0.16 18.12
N MET A 39 -9.10 1.08 18.46
CA MET A 39 -7.87 1.67 17.93
C MET A 39 -6.64 0.85 18.32
N GLY A 40 -6.59 0.34 19.55
CA GLY A 40 -5.47 -0.52 19.95
C GLY A 40 -5.42 -1.80 19.14
N LEU A 41 -6.58 -2.33 18.79
CA LEU A 41 -6.67 -3.53 17.96
C LEU A 41 -6.14 -3.28 16.55
N LEU A 42 -6.58 -2.19 15.92
CA LEU A 42 -6.20 -1.93 14.54
C LEU A 42 -4.73 -1.53 14.42
N THR A 43 -4.24 -0.68 15.35
CA THR A 43 -2.85 -0.19 15.27
C THR A 43 -1.84 -1.27 15.64
N ASN A 44 -2.25 -2.23 16.47
CA ASN A 44 -1.38 -3.35 16.81
C ASN A 44 -1.14 -4.24 15.60
N LEU A 45 -2.20 -4.59 14.86
CA LEU A 45 -2.07 -5.21 13.54
C LEU A 45 -1.21 -4.36 12.60
N ALA A 46 -1.55 -3.07 12.44
CA ALA A 46 -0.81 -2.24 11.49
C ALA A 46 0.67 -2.24 11.80
N ASP A 47 1.02 -2.13 13.10
CA ASP A 47 2.41 -2.05 13.52
C ASP A 47 3.18 -3.32 13.19
N ARG A 48 2.56 -4.48 13.45
CA ARG A 48 3.20 -5.75 13.12
C ARG A 48 3.39 -5.90 11.60
N GLU A 49 2.37 -5.54 10.80
CA GLU A 49 2.51 -5.61 9.35
C GLU A 49 3.63 -4.69 8.85
N LEU A 50 3.79 -3.54 9.48
CA LEU A 50 4.84 -2.64 9.05
C LEU A 50 6.18 -3.36 9.02
N VAL A 51 6.50 -4.13 10.07
CA VAL A 51 7.73 -4.91 10.09
C VAL A 51 7.84 -5.74 8.82
N HIS A 52 6.75 -6.40 8.43
CA HIS A 52 6.76 -7.25 7.24
C HIS A 52 6.68 -6.44 5.95
N MET A 53 6.11 -5.24 6.00
CA MET A 53 6.09 -4.42 4.81
C MET A 53 7.50 -3.97 4.43
N ILE A 54 8.35 -3.73 5.44
CA ILE A 54 9.75 -3.39 5.20
C ILE A 54 10.47 -4.54 4.50
N ASN A 55 10.34 -5.75 5.03
CA ASN A 55 10.92 -6.92 4.35
C ASN A 55 10.41 -7.00 2.92
N TRP A 56 9.13 -6.71 2.71
CA TRP A 56 8.55 -6.79 1.37
C TRP A 56 9.15 -5.73 0.45
N ALA A 57 9.19 -4.47 0.89
CA ALA A 57 9.66 -3.39 0.03
C ALA A 57 11.04 -3.71 -0.53
N LYS A 58 11.94 -4.25 0.31
CA LYS A 58 13.28 -4.65 -0.11
C LYS A 58 13.23 -5.64 -1.26
N ARG A 59 12.19 -6.48 -1.31
CA ARG A 59 12.04 -7.42 -2.40
C ARG A 59 11.34 -6.81 -3.62
N VAL A 60 10.94 -5.54 -3.58
CA VAL A 60 10.32 -4.89 -4.73
C VAL A 60 11.39 -4.41 -5.71
N PRO A 61 11.41 -4.95 -6.94
CA PRO A 61 12.44 -4.57 -7.91
C PRO A 61 12.79 -3.08 -7.93
N GLY A 62 14.08 -2.79 -7.99
CA GLY A 62 14.55 -1.43 -8.02
C GLY A 62 14.51 -0.74 -6.69
N PHE A 63 13.90 -1.33 -5.67
CA PHE A 63 13.79 -0.63 -4.40
C PHE A 63 15.12 -0.56 -3.68
N VAL A 64 15.86 -1.68 -3.62
CA VAL A 64 17.14 -1.67 -2.93
C VAL A 64 18.17 -0.83 -3.68
N ASP A 65 17.97 -0.59 -4.97
CA ASP A 65 18.83 0.30 -5.74
C ASP A 65 18.79 1.74 -5.24
N LEU A 66 17.75 2.13 -4.52
CA LEU A 66 17.68 3.51 -4.04
C LEU A 66 18.60 3.70 -2.83
N THR A 67 18.89 4.95 -2.52
CA THR A 67 19.55 5.27 -1.27
C THR A 67 18.66 4.90 -0.09
N LEU A 68 19.30 4.66 1.06
CA LEU A 68 18.54 4.37 2.28
C LEU A 68 17.60 5.52 2.63
N HIS A 69 18.09 6.76 2.54
CA HIS A 69 17.26 7.93 2.84
C HIS A 69 16.05 8.00 1.93
N ASP A 70 16.15 7.43 0.73
CA ASP A 70 15.03 7.42 -0.20
C ASP A 70 14.13 6.22 0.06
N GLN A 71 14.71 5.09 0.45
CA GLN A 71 13.91 3.98 0.90
C GLN A 71 13.02 4.41 2.07
N VAL A 72 13.63 5.03 3.07
CA VAL A 72 12.89 5.54 4.21
C VAL A 72 11.81 6.51 3.75
N HIS A 73 12.11 7.33 2.74
CA HIS A 73 11.15 8.33 2.23
C HIS A 73 9.95 7.67 1.57
N LEU A 74 10.16 6.68 0.70
CA LEU A 74 9.04 6.07 -0.01
C LEU A 74 8.11 5.32 0.95
N LEU A 75 8.68 4.56 1.89
CA LEU A 75 7.86 3.81 2.85
C LEU A 75 7.07 4.74 3.76
N GLU A 76 7.70 5.83 4.21
CA GLU A 76 7.00 6.82 5.03
C GLU A 76 5.81 7.44 4.30
N CYS A 77 5.94 7.67 2.99
CA CYS A 77 4.86 8.31 2.26
C CYS A 77 3.72 7.33 1.98
N ALA A 78 4.06 6.08 1.66
CA ALA A 78 3.11 5.15 1.08
C ALA A 78 2.50 4.17 2.08
N TRP A 79 3.02 4.07 3.30
CA TRP A 79 2.76 2.90 4.13
C TRP A 79 1.26 2.68 4.38
N LEU A 80 0.54 3.72 4.83
CA LEU A 80 -0.89 3.55 5.09
C LEU A 80 -1.62 3.20 3.81
N GLU A 81 -1.23 3.81 2.69
CA GLU A 81 -1.79 3.43 1.40
C GLU A 81 -1.61 1.95 1.14
N ILE A 82 -0.46 1.40 1.54
CA ILE A 82 -0.14 0.00 1.29
C ILE A 82 -0.95 -0.92 2.22
N LEU A 83 -1.16 -0.52 3.47
CA LEU A 83 -2.04 -1.30 4.34
C LEU A 83 -3.48 -1.22 3.88
N MET A 84 -3.90 -0.08 3.32
CA MET A 84 -5.27 0.01 2.84
C MET A 84 -5.48 -0.87 1.61
N ILE A 85 -4.57 -0.82 0.63
CA ILE A 85 -4.85 -1.58 -0.58
C ILE A 85 -4.86 -3.05 -0.27
N GLY A 86 -3.99 -3.49 0.65
CA GLY A 86 -4.00 -4.89 1.06
C GLY A 86 -5.28 -5.27 1.78
N LEU A 87 -5.76 -4.39 2.65
CA LEU A 87 -7.01 -4.66 3.35
C LEU A 87 -8.17 -4.73 2.38
N VAL A 88 -8.21 -3.78 1.43
CA VAL A 88 -9.25 -3.74 0.41
C VAL A 88 -9.20 -5.00 -0.45
N TRP A 89 -8.00 -5.43 -0.82
CA TRP A 89 -7.85 -6.63 -1.66
C TRP A 89 -8.40 -7.87 -0.96
N ARG A 90 -7.97 -8.14 0.27
CA ARG A 90 -8.41 -9.38 0.88
C ARG A 90 -9.86 -9.32 1.36
N SER A 91 -10.43 -8.13 1.48
CA SER A 91 -11.86 -7.98 1.77
C SER A 91 -12.70 -8.17 0.53
N MET A 92 -12.07 -8.31 -0.64
CA MET A 92 -12.78 -8.19 -1.92
C MET A 92 -13.87 -9.24 -2.08
N GLU A 93 -13.65 -10.47 -1.59
CA GLU A 93 -14.65 -11.52 -1.65
C GLU A 93 -15.64 -11.48 -0.49
N HIS A 94 -15.61 -10.42 0.31
CA HIS A 94 -16.37 -10.35 1.57
C HIS A 94 -17.22 -9.08 1.55
N PRO A 95 -18.28 -9.08 0.74
CA PRO A 95 -19.08 -7.86 0.56
C PRO A 95 -19.57 -7.27 1.88
N GLY A 96 -19.41 -5.96 2.01
CA GLY A 96 -19.83 -5.28 3.21
C GLY A 96 -18.97 -5.53 4.43
N LYS A 97 -17.90 -6.30 4.30
CA LYS A 97 -17.05 -6.66 5.43
C LYS A 97 -15.59 -6.27 5.13
N LEU A 98 -14.86 -5.89 6.17
CA LEU A 98 -13.43 -5.60 6.05
C LEU A 98 -12.63 -6.71 6.73
N LEU A 99 -11.79 -7.40 5.96
CA LEU A 99 -11.04 -8.55 6.46
C LEU A 99 -9.64 -8.06 6.85
N PHE A 100 -9.57 -7.40 8.01
CA PHE A 100 -8.28 -7.00 8.57
C PHE A 100 -7.34 -8.20 8.74
N ALA A 101 -7.86 -9.32 9.21
CA ALA A 101 -7.07 -10.52 9.42
C ALA A 101 -8.01 -11.71 9.33
N PRO A 102 -7.45 -12.94 9.25
CA PRO A 102 -8.33 -14.11 9.16
C PRO A 102 -9.19 -14.27 10.39
N ASN A 103 -8.74 -13.77 11.55
CA ASN A 103 -9.55 -13.80 12.76
C ASN A 103 -10.09 -12.42 13.11
N LEU A 104 -10.15 -11.51 12.14
CA LEU A 104 -10.68 -10.18 12.44
C LEU A 104 -11.43 -9.69 11.21
N LEU A 105 -12.71 -10.07 11.11
CA LEU A 105 -13.57 -9.69 10.00
C LEU A 105 -14.60 -8.71 10.52
N LEU A 106 -14.48 -7.44 10.13
CA LEU A 106 -15.23 -6.37 10.75
C LEU A 106 -16.38 -5.90 9.87
N ASP A 107 -17.53 -5.74 10.48
CA ASP A 107 -18.70 -5.18 9.83
C ASP A 107 -18.55 -3.67 9.68
N ARG A 108 -19.26 -3.11 8.70
CA ARG A 108 -19.32 -1.66 8.59
C ARG A 108 -19.74 -1.02 9.92
N ASN A 109 -20.86 -1.50 10.49
CA ASN A 109 -21.39 -0.94 11.74
C ASN A 109 -20.40 -1.06 12.89
N GLN A 110 -19.39 -1.92 12.78
CA GLN A 110 -18.35 -1.98 13.80
C GLN A 110 -17.38 -0.81 13.69
N GLY A 111 -17.48 0.00 12.65
CA GLY A 111 -16.73 1.25 12.59
C GLY A 111 -17.19 2.31 13.55
N LYS A 112 -18.46 2.26 14.00
CA LYS A 112 -19.02 3.26 14.90
C LYS A 112 -18.42 3.23 16.30
N CYS A 113 -17.61 2.22 16.61
CA CYS A 113 -16.93 2.14 17.91
C CYS A 113 -15.97 3.31 18.11
N VAL A 114 -15.47 3.88 17.01
CA VAL A 114 -14.47 4.94 17.02
C VAL A 114 -15.05 6.15 16.32
N GLU A 115 -14.83 7.32 16.92
CA GLU A 115 -15.24 8.58 16.29
C GLU A 115 -14.57 8.73 14.92
N GLY A 116 -15.37 9.04 13.90
CA GLY A 116 -14.87 9.29 12.56
C GLY A 116 -14.36 8.08 11.79
N MET A 117 -14.44 6.88 12.36
CA MET A 117 -13.90 5.71 11.65
C MET A 117 -14.88 5.11 10.66
N VAL A 118 -16.17 5.08 10.99
CA VAL A 118 -17.14 4.46 10.08
C VAL A 118 -17.08 5.12 8.70
N GLU A 119 -16.79 6.43 8.66
CA GLU A 119 -16.63 7.13 7.39
C GLU A 119 -15.54 6.49 6.55
N ILE A 120 -14.39 6.21 7.18
CA ILE A 120 -13.26 5.63 6.46
C ILE A 120 -13.57 4.19 6.08
N PHE A 121 -14.21 3.43 6.98
CA PHE A 121 -14.68 2.09 6.63
C PHE A 121 -15.56 2.14 5.38
N ASP A 122 -16.48 3.11 5.31
CA ASP A 122 -17.31 3.24 4.12
C ASP A 122 -16.45 3.42 2.87
N MET A 123 -15.48 4.34 2.91
CA MET A 123 -14.58 4.52 1.77
C MET A 123 -13.84 3.24 1.41
N LEU A 124 -13.37 2.50 2.41
CA LEU A 124 -12.62 1.28 2.16
C LEU A 124 -13.48 0.21 1.53
N LEU A 125 -14.73 0.06 2.03
CA LEU A 125 -15.63 -0.96 1.50
C LEU A 125 -16.09 -0.61 0.08
N ALA A 126 -16.25 0.68 -0.21
CA ALA A 126 -16.57 1.08 -1.58
C ALA A 126 -15.42 0.74 -2.53
N THR A 127 -14.19 1.04 -2.13
CA THR A 127 -13.03 0.59 -2.91
C THR A 127 -13.03 -0.92 -3.07
N SER A 128 -13.31 -1.65 -2.00
CA SER A 128 -13.36 -3.10 -2.11
C SER A 128 -14.42 -3.55 -3.12
N SER A 129 -15.58 -2.89 -3.13
CA SER A 129 -16.62 -3.21 -4.10
C SER A 129 -16.17 -2.90 -5.52
N ARG A 130 -15.54 -1.73 -5.73
CA ARG A 130 -15.03 -1.41 -7.05
C ARG A 130 -14.09 -2.50 -7.57
N PHE A 131 -13.08 -2.87 -6.76
CA PHE A 131 -12.18 -3.96 -7.14
C PHE A 131 -12.96 -5.25 -7.46
N ARG A 132 -14.03 -5.51 -6.71
CA ARG A 132 -14.83 -6.71 -6.96
C ARG A 132 -15.61 -6.61 -8.27
N MET A 133 -16.27 -5.47 -8.51
CA MET A 133 -17.01 -5.29 -9.76
C MET A 133 -16.07 -5.37 -10.97
N MET A 134 -14.84 -4.86 -10.84
CA MET A 134 -13.84 -4.96 -11.90
C MET A 134 -13.22 -6.34 -12.02
N ASN A 135 -13.48 -7.24 -11.08
CA ASN A 135 -12.82 -8.54 -11.09
C ASN A 135 -11.30 -8.40 -11.07
N LEU A 136 -10.81 -7.59 -10.13
CA LEU A 136 -9.36 -7.41 -10.00
C LEU A 136 -8.68 -8.74 -9.73
N GLN A 137 -7.62 -8.98 -10.47
CA GLN A 137 -6.79 -10.17 -10.32
C GLN A 137 -5.67 -9.93 -9.31
N GLY A 138 -5.22 -11.02 -8.68
CA GLY A 138 -4.11 -10.93 -7.76
C GLY A 138 -2.83 -10.42 -8.40
N GLU A 139 -2.54 -10.86 -9.64
CA GLU A 139 -1.39 -10.37 -10.39
C GLU A 139 -1.45 -8.87 -10.63
N GLU A 140 -2.66 -8.32 -10.78
CA GLU A 140 -2.81 -6.89 -10.92
C GLU A 140 -2.60 -6.21 -9.58
N PHE A 141 -3.19 -6.76 -8.51
CA PHE A 141 -3.01 -6.21 -7.16
C PHE A 141 -1.53 -5.99 -6.83
N VAL A 142 -0.69 -7.01 -6.99
CA VAL A 142 0.71 -6.84 -6.56
C VAL A 142 1.40 -5.78 -7.41
N CYS A 143 1.04 -5.67 -8.69
CA CYS A 143 1.55 -4.58 -9.52
C CYS A 143 1.14 -3.23 -8.97
N LEU A 144 -0.14 -3.08 -8.58
CA LEU A 144 -0.64 -1.81 -8.08
C LEU A 144 0.04 -1.41 -6.77
N LYS A 145 0.26 -2.39 -5.88
CA LYS A 145 0.86 -2.06 -4.58
C LYS A 145 2.29 -1.58 -4.74
N SER A 146 3.01 -2.15 -5.70
CA SER A 146 4.39 -1.73 -5.96
C SER A 146 4.44 -0.37 -6.61
N ILE A 147 3.49 -0.10 -7.52
CA ILE A 147 3.35 1.25 -8.06
C ILE A 147 3.17 2.24 -6.92
N ILE A 148 2.25 1.93 -5.99
CA ILE A 148 2.00 2.80 -4.85
C ILE A 148 3.29 3.09 -4.08
N LEU A 149 4.04 2.05 -3.75
CA LEU A 149 5.29 2.23 -3.02
C LEU A 149 6.26 3.14 -3.79
N LEU A 150 6.32 2.97 -5.12
CA LEU A 150 7.31 3.64 -5.94
C LEU A 150 6.90 5.06 -6.34
N ASN A 151 5.60 5.32 -6.48
CA ASN A 151 5.14 6.58 -7.03
C ASN A 151 4.73 7.58 -5.96
N SER A 152 4.43 7.12 -4.75
CA SER A 152 3.77 8.00 -3.81
C SER A 152 4.71 9.10 -3.35
N GLY A 153 5.97 8.75 -3.07
CA GLY A 153 6.95 9.68 -2.57
C GLY A 153 7.95 10.17 -3.59
N VAL A 154 7.84 9.71 -4.84
CA VAL A 154 8.78 10.08 -5.89
C VAL A 154 8.74 11.56 -6.18
N TYR A 155 7.58 12.17 -5.99
CA TYR A 155 7.41 13.60 -6.23
C TYR A 155 7.80 14.42 -4.99
N THR A 156 7.95 13.74 -3.86
CA THR A 156 8.32 14.40 -2.61
C THR A 156 9.75 14.08 -2.22
N PHE A 157 10.65 14.12 -3.20
CA PHE A 157 12.06 13.84 -2.95
C PHE A 157 12.91 15.09 -3.09
N LEU A 158 14.07 15.08 -2.44
CA LEU A 158 14.98 16.22 -2.49
C LEU A 158 15.38 16.56 -3.92
N SER A 159 14.65 17.47 -4.54
CA SER A 159 14.93 17.88 -5.91
C SER A 159 15.97 18.98 -5.96
N SER A 160 17.13 18.73 -5.34
CA SER A 160 18.22 19.71 -5.32
C SER A 160 19.57 19.07 -5.60
N THR A 161 19.59 17.79 -5.92
CA THR A 161 20.83 17.05 -6.08
C THR A 161 20.80 16.31 -7.40
N LEU A 162 21.96 16.18 -8.02
CA LEU A 162 22.02 15.39 -9.25
C LEU A 162 21.71 13.92 -8.95
N LYS A 163 22.33 13.38 -7.91
CA LYS A 163 22.01 12.03 -7.45
C LYS A 163 20.50 11.87 -7.23
N SER A 164 19.90 12.81 -6.51
CA SER A 164 18.47 12.76 -6.29
C SER A 164 17.70 12.74 -7.61
N LEU A 165 18.19 13.45 -8.62
CA LEU A 165 17.50 13.44 -9.91
C LEU A 165 17.67 12.12 -10.62
N GLU A 166 18.77 11.41 -10.37
CA GLU A 166 18.94 10.09 -10.94
C GLU A 166 18.04 9.06 -10.26
N GLU A 167 17.90 9.13 -8.93
CA GLU A 167 16.96 8.27 -8.21
C GLU A 167 15.58 8.32 -8.81
N LYS A 168 15.08 9.53 -9.06
CA LYS A 168 13.75 9.69 -9.63
C LYS A 168 13.66 9.07 -11.02
N ASP A 169 14.66 9.32 -11.86
CA ASP A 169 14.61 8.76 -13.20
C ASP A 169 14.60 7.25 -13.15
N HIS A 170 15.39 6.67 -12.25
CA HIS A 170 15.39 5.22 -12.13
C HIS A 170 14.03 4.71 -11.67
N ILE A 171 13.38 5.43 -10.75
CA ILE A 171 12.07 5.02 -10.28
C ILE A 171 11.04 5.07 -11.40
N HIS A 172 11.16 6.05 -12.31
CA HIS A 172 10.17 6.13 -13.36
C HIS A 172 10.41 5.12 -14.48
N ARG A 173 11.66 4.67 -14.68
CA ARG A 173 11.90 3.56 -15.59
C ARG A 173 11.33 2.25 -15.04
N VAL A 174 11.44 2.05 -13.72
CA VAL A 174 10.87 0.84 -13.12
C VAL A 174 9.36 0.87 -13.20
N LEU A 175 8.75 2.01 -12.86
CA LEU A 175 7.30 2.13 -12.92
C LEU A 175 6.79 1.89 -14.34
N ASP A 176 7.54 2.37 -15.34
CA ASP A 176 7.26 2.02 -16.74
C ASP A 176 7.19 0.51 -16.92
N LYS A 177 8.20 -0.20 -16.45
CA LYS A 177 8.18 -1.67 -16.46
C LYS A 177 6.85 -2.21 -15.96
N ILE A 178 6.42 -1.73 -14.78
CA ILE A 178 5.19 -2.25 -14.18
C ILE A 178 3.98 -1.93 -15.06
N THR A 179 3.99 -0.79 -15.74
CA THR A 179 2.92 -0.51 -16.69
C THR A 179 2.91 -1.53 -17.83
N ASP A 180 4.07 -1.79 -18.43
CA ASP A 180 4.18 -2.86 -19.43
C ASP A 180 3.67 -4.18 -18.87
N THR A 181 4.05 -4.51 -17.63
CA THR A 181 3.57 -5.72 -16.95
C THR A 181 2.05 -5.76 -16.83
N LEU A 182 1.43 -4.63 -16.46
CA LEU A 182 -0.01 -4.61 -16.35
C LEU A 182 -0.65 -4.80 -17.73
N ILE A 183 -0.20 -4.03 -18.72
CA ILE A 183 -0.65 -4.22 -20.10
C ILE A 183 -0.53 -5.68 -20.51
N HIS A 184 0.63 -6.30 -20.25
CA HIS A 184 0.85 -7.70 -20.63
C HIS A 184 -0.23 -8.60 -20.00
N LEU A 185 -0.41 -8.48 -18.69
CA LEU A 185 -1.45 -9.26 -18.01
C LEU A 185 -2.82 -9.08 -18.64
N MET A 186 -3.14 -7.86 -19.09
CA MET A 186 -4.47 -7.63 -19.63
C MET A 186 -4.62 -8.24 -21.01
N ALA A 187 -3.52 -8.36 -21.74
CA ALA A 187 -3.55 -9.01 -23.05
C ALA A 187 -3.71 -10.52 -22.89
N LYS A 188 -2.91 -11.14 -22.01
CA LYS A 188 -3.13 -12.55 -21.70
C LYS A 188 -4.59 -12.80 -21.37
N ALA A 189 -5.19 -11.93 -20.56
CA ALA A 189 -6.61 -12.08 -20.28
C ALA A 189 -7.49 -11.85 -21.50
N GLY A 190 -6.92 -11.60 -22.67
CA GLY A 190 -7.72 -11.42 -23.88
C GLY A 190 -8.56 -10.17 -23.89
N LEU A 191 -7.93 -9.02 -23.66
CA LEU A 191 -8.59 -7.73 -23.74
C LEU A 191 -8.14 -7.03 -25.00
N THR A 192 -9.06 -6.30 -25.62
CA THR A 192 -8.70 -5.43 -26.74
C THR A 192 -7.67 -4.42 -26.29
N LEU A 193 -6.88 -3.92 -27.25
CA LEU A 193 -6.00 -2.78 -26.95
C LEU A 193 -6.79 -1.66 -26.29
N GLN A 194 -7.97 -1.34 -26.83
CA GLN A 194 -8.82 -0.32 -26.23
C GLN A 194 -9.19 -0.71 -24.80
N GLN A 195 -9.67 -1.94 -24.61
CA GLN A 195 -10.08 -2.38 -23.28
C GLN A 195 -8.91 -2.41 -22.30
N GLN A 196 -7.70 -2.66 -22.79
CA GLN A 196 -6.54 -2.72 -21.91
C GLN A 196 -6.26 -1.35 -21.32
N HIS A 197 -6.02 -0.35 -22.19
CA HIS A 197 -5.65 0.96 -21.68
C HIS A 197 -6.80 1.61 -20.92
N GLN A 198 -8.04 1.21 -21.20
CA GLN A 198 -9.17 1.61 -20.35
C GLN A 198 -9.04 1.02 -18.96
N ARG A 199 -8.75 -0.28 -18.88
CA ARG A 199 -8.61 -0.92 -17.58
C ARG A 199 -7.41 -0.35 -16.83
N LEU A 200 -6.30 -0.13 -17.53
CA LEU A 200 -5.12 0.41 -16.88
C LEU A 200 -5.44 1.74 -16.20
N ALA A 201 -6.12 2.63 -16.94
CA ALA A 201 -6.48 3.94 -16.38
C ALA A 201 -7.49 3.82 -15.26
N GLN A 202 -8.48 2.93 -15.40
CA GLN A 202 -9.45 2.75 -14.32
C GLN A 202 -8.77 2.34 -13.02
N LEU A 203 -7.68 1.58 -13.12
CA LEU A 203 -6.96 1.09 -11.95
C LEU A 203 -6.07 2.17 -11.37
N LEU A 204 -5.31 2.85 -12.22
CA LEU A 204 -4.43 3.92 -11.73
C LEU A 204 -5.24 5.07 -11.16
N LEU A 205 -6.44 5.30 -11.69
CA LEU A 205 -7.30 6.31 -11.10
C LEU A 205 -7.78 5.90 -9.72
N ILE A 206 -7.81 4.60 -9.43
CA ILE A 206 -8.21 4.15 -8.10
C ILE A 206 -7.11 4.42 -7.09
N LEU A 207 -5.86 4.30 -7.52
CA LEU A 207 -4.78 4.71 -6.65
C LEU A 207 -4.97 6.15 -6.16
N SER A 208 -5.74 6.94 -6.90
CA SER A 208 -5.97 8.32 -6.52
C SER A 208 -6.94 8.40 -5.33
N HIS A 209 -8.02 7.61 -5.37
CA HIS A 209 -8.91 7.48 -4.21
C HIS A 209 -8.18 6.88 -3.02
N ILE A 210 -7.26 5.95 -3.27
CA ILE A 210 -6.54 5.33 -2.16
C ILE A 210 -5.63 6.34 -1.48
N ARG A 211 -4.98 7.20 -2.26
CA ARG A 211 -4.22 8.29 -1.67
C ARG A 211 -5.13 9.19 -0.84
N HIS A 212 -6.37 9.41 -1.31
CA HIS A 212 -7.34 10.18 -0.55
C HIS A 212 -7.69 9.48 0.77
N MET A 213 -8.19 8.24 0.69
CA MET A 213 -8.49 7.48 1.89
C MET A 213 -7.32 7.50 2.88
N SER A 214 -6.10 7.43 2.36
CA SER A 214 -4.93 7.42 3.24
C SER A 214 -4.74 8.77 3.93
N ASN A 215 -5.01 9.87 3.21
CA ASN A 215 -4.88 11.19 3.83
C ASN A 215 -5.91 11.35 4.96
N LYS A 216 -7.15 10.90 4.74
CA LYS A 216 -8.16 10.95 5.80
C LYS A 216 -7.80 10.03 6.97
N GLY A 217 -7.23 8.86 6.68
CA GLY A 217 -6.87 7.95 7.76
C GLY A 217 -5.68 8.42 8.55
N MET A 218 -4.73 9.09 7.89
CA MET A 218 -3.61 9.71 8.61
C MET A 218 -4.11 10.80 9.56
N GLU A 219 -5.02 11.65 9.07
CA GLU A 219 -5.65 12.66 9.93
C GLU A 219 -6.34 12.01 11.11
N HIS A 220 -7.10 10.94 10.86
CA HIS A 220 -7.83 10.27 11.92
C HIS A 220 -6.90 9.67 12.96
N LEU A 221 -5.75 9.15 12.52
CA LEU A 221 -4.87 8.46 13.46
C LEU A 221 -4.09 9.46 14.30
N TYR A 222 -3.61 10.54 13.67
CA TYR A 222 -3.00 11.64 14.41
C TYR A 222 -3.96 12.21 15.44
N SER A 223 -5.23 12.38 15.04
CA SER A 223 -6.26 12.85 15.97
C SER A 223 -6.48 11.84 17.11
N MET A 224 -6.53 10.55 16.78
CA MET A 224 -6.66 9.53 17.83
C MET A 224 -5.43 9.53 18.72
N LYS A 225 -4.24 9.74 18.15
CA LYS A 225 -3.04 9.80 18.98
C LYS A 225 -3.11 10.98 19.93
N CYS A 226 -3.63 12.12 19.46
CA CYS A 226 -3.78 13.28 20.34
C CYS A 226 -4.76 12.99 21.47
N LYS A 227 -5.77 12.17 21.24
CA LYS A 227 -6.65 11.76 22.34
C LYS A 227 -5.99 10.81 23.32
N ASN A 228 -4.72 10.43 23.09
CA ASN A 228 -3.99 9.50 23.94
C ASN A 228 -4.59 8.11 23.93
N VAL A 229 -5.27 7.75 22.85
CA VAL A 229 -5.91 6.44 22.72
C VAL A 229 -5.13 5.49 21.80
N VAL A 230 -3.89 5.81 21.48
CA VAL A 230 -3.03 4.97 20.65
C VAL A 230 -1.89 4.45 21.51
N PRO A 231 -1.69 3.14 21.61
CA PRO A 231 -0.56 2.61 22.40
C PRO A 231 0.77 3.01 21.77
N LEU A 232 1.82 2.73 22.55
CA LEU A 232 3.18 3.11 22.20
C LEU A 232 3.82 2.05 21.29
N TYR A 233 3.24 1.87 20.11
CA TYR A 233 3.82 1.00 19.09
C TYR A 233 4.89 1.80 18.33
N ASP A 234 6.16 1.46 18.58
CA ASP A 234 7.28 2.35 18.25
C ASP A 234 7.41 2.58 16.76
N LEU A 235 7.25 1.52 15.95
CA LEU A 235 7.40 1.65 14.50
C LEU A 235 6.22 2.42 13.89
N LEU A 236 4.99 2.12 14.35
CA LEU A 236 3.83 2.82 13.83
C LEU A 236 3.90 4.31 14.12
N LEU A 237 4.28 4.68 15.34
CA LEU A 237 4.41 6.09 15.67
C LEU A 237 5.52 6.73 14.86
N GLU A 238 6.60 5.98 14.60
CA GLU A 238 7.68 6.44 13.74
C GLU A 238 7.16 6.82 12.36
N MET A 239 6.39 5.93 11.73
CA MET A 239 5.76 6.26 10.46
C MET A 239 4.83 7.46 10.60
N LEU A 240 3.93 7.41 11.59
CA LEU A 240 2.96 8.48 11.75
C LEU A 240 3.65 9.83 11.86
N ASP A 241 4.74 9.90 12.62
CA ASP A 241 5.37 11.19 12.92
C ASP A 241 6.24 11.72 11.79
N ALA A 242 6.28 11.06 10.63
CA ALA A 242 6.90 11.59 9.43
C ALA A 242 5.97 12.53 8.66
N HIS A 243 4.83 12.88 9.24
CA HIS A 243 3.88 13.82 8.63
C HIS A 243 3.73 15.07 9.52
N ARG B 1 18.98 9.08 12.98
CA ARG B 1 17.91 8.47 13.72
C ARG B 1 17.50 7.12 13.07
N IAS B 2 16.43 6.29 13.69
CA IAS B 2 16.00 5.00 13.14
C IAS B 2 15.22 5.23 11.83
O IAS B 2 14.24 5.89 11.85
CB IAS B 2 15.04 4.37 14.13
CG IAS B 2 14.85 2.89 13.80
OD1 IAS B 2 15.72 2.22 13.36
N ILE B 3 13.64 2.33 14.01
CA ILE B 3 13.36 0.92 13.72
C ILE B 3 13.34 0.68 12.24
N LEU B 4 12.65 1.69 11.39
CA LEU B 4 12.54 1.61 9.95
C LEU B 4 13.92 1.46 9.31
N DNP B 5 14.84 2.54 9.70
CA DNP B 5 16.21 2.73 9.28
CB DNP B 5 16.79 3.84 10.20
NG DNP B 5 15.62 4.71 10.49
C DNP B 5 16.95 1.38 9.44
O DNP B 5 17.48 0.84 8.51
N ARG B 6 16.91 0.78 10.82
CA ARG B 6 17.55 -0.49 11.13
C ARG B 6 16.97 -1.62 10.30
N LEU B 7 15.49 -1.83 10.19
CA LEU B 7 15.06 -2.98 9.40
C LEU B 7 15.43 -2.84 7.93
N LEU B 8 15.50 -1.51 7.32
CA LEU B 8 15.86 -1.39 5.92
C LEU B 8 17.34 -1.78 5.73
N GLN B 9 18.33 -1.37 6.74
CA GLN B 9 19.75 -1.71 6.57
C GLN B 9 20.05 -3.18 6.69
N NH2 B 10 19.56 -3.92 7.84
P PO4 C . 8.96 -12.06 6.26
O1 PO4 C . 8.50 -12.51 4.89
O2 PO4 C . 8.64 -10.58 6.48
O3 PO4 C . 8.19 -12.84 7.29
O4 PO4 C . 10.45 -12.31 6.41
P PO4 D . 4.39 -11.16 13.71
O1 PO4 D . 3.69 -9.81 13.78
O2 PO4 D . 4.94 -11.35 12.31
O3 PO4 D . 3.38 -12.26 14.00
O4 PO4 D . 5.51 -11.19 14.73
C1 EST E . -4.89 -1.46 10.10
C2 EST E . -4.34 -2.56 9.37
C3 EST E . -4.54 -2.65 7.96
O3 EST E . -4.02 -3.73 7.22
C4 EST E . -5.28 -1.68 7.28
C5 EST E . -5.82 -0.60 7.99
C6 EST E . -6.73 0.53 7.12
C7 EST E . -7.51 1.52 8.13
C8 EST E . -6.63 1.90 9.25
C9 EST E . -6.23 0.67 10.18
C10 EST E . -5.63 -0.48 9.43
C11 EST E . -5.26 1.14 11.26
C12 EST E . -5.87 2.40 12.12
C13 EST E . -6.39 3.51 11.25
C14 EST E . -7.30 2.96 10.13
C15 EST E . -8.00 4.30 9.52
C16 EST E . -7.94 5.44 10.76
C17 EST E . -7.28 4.68 11.93
O17 EST E . -6.57 5.49 12.66
C18 EST E . -5.18 4.21 10.59
H1 EST E . -4.74 -1.40 11.07
H2 EST E . -3.82 -3.24 9.84
HO3 EST E . -3.39 -4.13 7.70
H4 EST E . -5.43 -1.75 6.32
H61 EST E . -7.39 0.04 6.57
H62 EST E . -6.14 1.04 6.54
H71 EST E . -8.30 1.08 8.48
H72 EST E . -7.78 2.32 7.65
H8 EST E . -5.81 2.28 8.88
H9 EST E . -7.03 0.35 10.62
H111 EST E . -4.42 1.42 10.84
H112 EST E . -5.09 0.41 11.88
H121 EST E . -6.58 2.08 12.69
H122 EST E . -5.15 2.77 12.69
H14 EST E . -8.02 2.48 10.57
H151 EST E . -8.93 4.12 9.28
H152 EST E . -7.50 4.61 8.74
H161 EST E . -8.83 5.74 11.00
H162 EST E . -7.39 6.20 10.50
H17 EST E . -7.98 4.28 12.49
HO7 EST E . -7.09 5.87 13.28
H181 EST E . -4.44 4.26 11.22
H182 EST E . -4.90 3.70 9.80
H183 EST E . -5.44 5.11 10.31
#